data_7AR4
#
_entry.id   7AR4
#
_cell.length_a   71.380
_cell.length_b   85.620
_cell.length_c   142.710
_cell.angle_alpha   90.000
_cell.angle_beta   90.000
_cell.angle_gamma   90.000
#
_symmetry.space_group_name_H-M   'P 21 21 21'
#
loop_
_entity.id
_entity.type
_entity.pdbx_description
1 polymer 'Catenin beta-1'
2 polymer Cadherin-1
3 non-polymer '4-(2-HYDROXYETHYL)-1-PIPERAZINE ETHANESULFONIC ACID'
4 non-polymer 'CHLORIDE ION'
5 water water
#
loop_
_entity_poly.entity_id
_entity_poly.type
_entity_poly.pdbx_seq_one_letter_code
_entity_poly.pdbx_strand_id
1 'polypeptide(L)'
;GAMAHAVVNLINYQDDAELATRAIPELTKLLNDEDQVVVNKAAVMVHQLSKKEASRHAIMRSPQMVSAIVRTMQNTNDVE
TARCTAGTLHNLSHHREGLLAIFKSGGIPALVKMLGSPVDSVLFYAITTLHNLLLHQEGAKMAVRLAGGLQKMVALLNKT
NVKFLAITTDCLQILAYGNQESKLIILASGGPQALVNIMRTYTYEKLLWTTSRVLKVLSVCSSNKPAIVEAGGMQALGLH
LTDPSQRLVQNCLWTLRNLSDAATKQEGMEGLLGTLVQLLGSDDINVVTCAAGILSNLTCNNYKNKMMVCQVGGIEALVR
TVLRAGDREDITEPAICALRHLTSRHQEAEMAQNAVRLHYGLPVVVKLLHPPSHWPLIKATVGLIRNLALCPANHAPLRE
QGAIPRLVQLLVRAHQDTQRRTSMGGTQQQFVEGVRMEEIVEGCTGALHILARDVHNRIVIRGLNTIPLFVQLLYSPIEN
IQRVAAGVLCELAQDKEAAEAIEAEGATAPLTELLHSRNEGVATYAAAVLFRMSED
;
AAA
2 'polypeptide(L)' (BAL)VTRNDV(DPR)PDSLLVF(BAL) PaP
#
# COMPACT_ATOMS: atom_id res chain seq x y z
N ASP A 15 34.45 3.73 46.55
CA ASP A 15 34.09 2.69 45.53
C ASP A 15 35.36 1.93 45.11
N ASP A 16 35.21 0.91 44.26
CA ASP A 16 36.32 0.04 43.76
C ASP A 16 37.33 0.91 43.00
N ALA A 17 36.93 1.49 41.86
CA ALA A 17 37.70 2.48 41.04
C ALA A 17 39.15 2.02 40.90
N GLU A 18 39.99 2.34 41.88
CA GLU A 18 41.44 2.03 41.95
C GLU A 18 41.71 0.56 41.61
N LEU A 19 41.09 -0.37 42.36
CA LEU A 19 41.33 -1.83 42.24
C LEU A 19 41.07 -2.26 40.78
N ALA A 20 39.96 -1.81 40.19
CA ALA A 20 39.53 -2.17 38.81
C ALA A 20 40.70 -1.99 37.84
N THR A 21 41.35 -0.82 37.86
CA THR A 21 42.46 -0.40 36.97
C THR A 21 43.67 -1.34 37.08
N ARG A 22 44.10 -1.63 38.32
CA ARG A 22 45.24 -2.52 38.60
C ARG A 22 44.97 -3.95 38.13
N ALA A 23 43.70 -4.38 38.15
CA ALA A 23 43.23 -5.73 37.79
C ALA A 23 43.29 -5.95 36.28
N ILE A 24 42.74 -5.01 35.49
CA ILE A 24 42.58 -5.10 34.00
C ILE A 24 43.85 -5.67 33.37
N PRO A 25 45.07 -5.11 33.57
CA PRO A 25 46.25 -5.57 32.84
C PRO A 25 46.50 -7.08 32.98
N GLU A 26 46.37 -7.61 34.19
CA GLU A 26 46.49 -9.06 34.52
C GLU A 26 45.38 -9.84 33.80
N LEU A 27 44.11 -9.42 33.98
CA LEU A 27 42.89 -10.09 33.41
C LEU A 27 43.00 -10.17 31.88
N THR A 28 43.59 -9.16 31.24
CA THR A 28 43.80 -9.13 29.77
C THR A 28 44.70 -10.32 29.40
N LYS A 29 45.80 -10.50 30.16
CA LYS A 29 46.85 -11.53 29.91
C LYS A 29 46.25 -12.93 30.14
N LEU A 30 45.52 -13.09 31.25
CA LEU A 30 44.75 -14.32 31.60
C LEU A 30 43.77 -14.71 30.47
N LEU A 31 43.01 -13.77 29.89
CA LEU A 31 42.04 -14.03 28.77
C LEU A 31 42.78 -14.60 27.55
N ASN A 32 44.00 -14.11 27.25
CA ASN A 32 44.81 -14.54 26.07
C ASN A 32 45.66 -15.76 26.45
N ASP A 33 45.47 -16.35 27.64
CA ASP A 33 46.21 -17.55 28.14
C ASP A 33 45.82 -18.82 27.37
N GLU A 34 46.68 -19.83 27.40
CA GLU A 34 46.49 -21.16 26.74
C GLU A 34 45.49 -22.01 27.53
N ASP A 35 45.55 -21.97 28.85
CA ASP A 35 44.58 -22.72 29.72
C ASP A 35 43.19 -22.10 29.56
N GLN A 36 42.33 -22.79 28.80
CA GLN A 36 40.92 -22.41 28.55
C GLN A 36 40.10 -22.48 29.85
N VAL A 37 40.68 -22.93 30.96
CA VAL A 37 40.04 -22.88 32.32
C VAL A 37 40.31 -21.50 32.93
N VAL A 38 41.54 -20.99 32.76
CA VAL A 38 42.01 -19.66 33.24
C VAL A 38 41.30 -18.57 32.42
N VAL A 39 41.26 -18.73 31.09
CA VAL A 39 40.47 -17.86 30.17
C VAL A 39 39.04 -17.73 30.73
N ASN A 40 38.48 -18.84 31.19
CA ASN A 40 37.04 -18.93 31.60
C ASN A 40 36.84 -18.19 32.93
N LYS A 41 37.73 -18.40 33.91
CA LYS A 41 37.63 -17.75 35.25
C LYS A 41 37.85 -16.25 35.08
N ALA A 42 38.73 -15.86 34.14
CA ALA A 42 39.03 -14.46 33.80
C ALA A 42 37.77 -13.83 33.17
N ALA A 43 37.23 -14.47 32.14
CA ALA A 43 35.97 -14.10 31.44
C ALA A 43 34.86 -13.84 32.46
N VAL A 44 34.84 -14.62 33.55
CA VAL A 44 33.78 -14.57 34.59
C VAL A 44 33.99 -13.33 35.46
N MET A 45 35.22 -13.08 35.94
CA MET A 45 35.56 -11.93 36.79
C MET A 45 35.48 -10.64 35.95
N VAL A 46 35.95 -10.66 34.70
CA VAL A 46 35.80 -9.54 33.71
C VAL A 46 34.30 -9.17 33.62
N HIS A 47 33.46 -10.15 33.30
CA HIS A 47 31.99 -10.01 33.32
C HIS A 47 31.53 -9.34 34.61
N GLN A 48 31.98 -9.84 35.76
CA GLN A 48 31.51 -9.38 37.09
C GLN A 48 31.92 -7.91 37.30
N LEU A 49 33.14 -7.54 36.92
CA LEU A 49 33.66 -6.14 36.97
C LEU A 49 32.74 -5.24 36.13
N SER A 50 32.38 -5.71 34.93
CA SER A 50 31.54 -4.98 33.94
C SER A 50 30.15 -4.70 34.52
N LYS A 51 29.81 -5.32 35.64
CA LYS A 51 28.45 -5.25 36.25
C LYS A 51 28.36 -4.08 37.24
N LYS A 52 29.46 -3.37 37.50
CA LYS A 52 29.52 -2.21 38.44
C LYS A 52 30.12 -1.01 37.71
N GLU A 53 29.46 0.17 37.80
CA GLU A 53 29.80 1.39 37.01
C GLU A 53 31.26 1.79 37.25
N ALA A 54 31.66 1.79 38.52
CA ALA A 54 33.05 1.96 38.99
C ALA A 54 34.02 1.25 38.02
N SER A 55 34.00 -0.08 37.99
CA SER A 55 34.96 -0.92 37.25
C SER A 55 34.59 -1.03 35.76
N ARG A 56 33.33 -0.77 35.38
CA ARG A 56 32.91 -0.82 33.96
C ARG A 56 33.68 0.26 33.19
N HIS A 57 33.72 1.48 33.73
CA HIS A 57 34.52 2.61 33.18
C HIS A 57 35.98 2.17 33.01
N ALA A 58 36.54 1.46 33.99
CA ALA A 58 37.90 0.86 33.91
C ALA A 58 38.06 0.04 32.62
N ILE A 59 37.15 -0.89 32.37
CA ILE A 59 37.25 -1.86 31.23
C ILE A 59 37.27 -1.07 29.91
N MET A 60 36.43 -0.04 29.80
CA MET A 60 36.15 0.69 28.52
C MET A 60 37.36 1.57 28.17
N ARG A 61 38.06 2.05 29.19
CA ARG A 61 39.33 2.82 29.06
C ARG A 61 40.45 1.96 28.47
N SER A 62 40.31 0.62 28.43
CA SER A 62 41.40 -0.31 28.06
C SER A 62 41.17 -0.95 26.69
N PRO A 63 41.76 -0.42 25.60
CA PRO A 63 41.59 -0.99 24.28
C PRO A 63 41.99 -2.47 24.27
N GLN A 64 43.08 -2.81 24.96
CA GLN A 64 43.64 -4.18 24.91
C GLN A 64 42.62 -5.14 25.53
N MET A 65 42.12 -4.83 26.73
CA MET A 65 41.07 -5.61 27.45
C MET A 65 39.87 -5.82 26.53
N VAL A 66 39.34 -4.77 25.91
CA VAL A 66 38.11 -4.87 25.07
C VAL A 66 38.45 -5.74 23.86
N SER A 67 39.63 -5.59 23.29
CA SER A 67 40.07 -6.42 22.15
C SER A 67 40.18 -7.88 22.59
N ALA A 68 40.57 -8.13 23.84
CA ALA A 68 40.75 -9.50 24.39
C ALA A 68 39.37 -10.14 24.58
N ILE A 69 38.40 -9.38 25.07
CA ILE A 69 36.99 -9.85 25.27
C ILE A 69 36.39 -10.26 23.91
N VAL A 70 36.59 -9.45 22.87
CA VAL A 70 35.97 -9.67 21.53
C VAL A 70 36.57 -10.93 20.89
N ARG A 71 37.88 -11.16 21.08
CA ARG A 71 38.59 -12.32 20.50
C ARG A 71 38.21 -13.60 21.27
N THR A 72 38.08 -13.53 22.60
CA THR A 72 37.62 -14.66 23.46
C THR A 72 36.24 -15.11 22.99
N MET A 73 35.22 -14.25 23.15
CA MET A 73 33.81 -14.46 22.66
C MET A 73 33.83 -15.13 21.28
N GLN A 74 34.54 -14.52 20.31
CA GLN A 74 34.52 -14.94 18.90
C GLN A 74 35.08 -16.36 18.70
N ASN A 75 36.01 -16.81 19.57
CA ASN A 75 36.87 -18.00 19.37
C ASN A 75 36.70 -19.05 20.48
N THR A 76 35.93 -18.79 21.53
CA THR A 76 35.74 -19.72 22.67
C THR A 76 34.86 -20.89 22.24
N ASN A 77 34.84 -21.95 23.05
CA ASN A 77 33.91 -23.11 22.96
C ASN A 77 33.24 -23.36 24.31
N ASP A 78 33.67 -22.70 25.39
CA ASP A 78 32.90 -22.65 26.67
C ASP A 78 31.69 -21.75 26.41
N VAL A 79 30.48 -22.26 26.57
CA VAL A 79 29.24 -21.45 26.48
C VAL A 79 29.29 -20.40 27.60
N GLU A 80 29.73 -20.81 28.79
CA GLU A 80 29.91 -19.93 29.98
C GLU A 80 30.72 -18.67 29.61
N THR A 81 31.80 -18.82 28.82
CA THR A 81 32.76 -17.72 28.49
C THR A 81 32.31 -16.98 27.22
N ALA A 82 31.57 -17.63 26.33
CA ALA A 82 30.78 -16.96 25.28
C ALA A 82 29.75 -16.03 25.96
N ARG A 83 29.01 -16.57 26.92
CA ARG A 83 27.92 -15.84 27.63
C ARG A 83 28.51 -14.65 28.38
N CYS A 84 29.59 -14.89 29.14
CA CYS A 84 30.25 -13.89 30.00
C CYS A 84 30.87 -12.77 29.15
N THR A 85 31.53 -13.09 28.04
CA THR A 85 32.26 -12.09 27.19
C THR A 85 31.23 -11.23 26.45
N ALA A 86 30.25 -11.87 25.81
CA ALA A 86 29.08 -11.22 25.17
C ALA A 86 28.36 -10.33 26.20
N GLY A 87 28.14 -10.87 27.41
CA GLY A 87 27.53 -10.14 28.55
C GLY A 87 28.29 -8.88 28.88
N THR A 88 29.63 -8.94 28.84
CA THR A 88 30.53 -7.78 29.10
C THR A 88 30.32 -6.73 27.99
N LEU A 89 30.29 -7.17 26.73
CA LEU A 89 30.07 -6.27 25.57
C LEU A 89 28.66 -5.65 25.68
N HIS A 90 27.64 -6.43 26.03
CA HIS A 90 26.29 -5.90 26.36
C HIS A 90 26.42 -4.70 27.31
N ASN A 91 27.24 -4.81 28.34
CA ASN A 91 27.33 -3.78 29.42
C ASN A 91 28.12 -2.56 28.91
N LEU A 92 29.24 -2.79 28.23
CA LEU A 92 30.10 -1.71 27.64
C LEU A 92 29.23 -0.88 26.69
N SER A 93 28.32 -1.55 25.97
CA SER A 93 27.49 -0.97 24.88
C SER A 93 26.46 0.03 25.43
N HIS A 94 26.41 0.23 26.75
CA HIS A 94 25.46 1.18 27.39
C HIS A 94 26.12 2.56 27.53
N HIS A 95 27.35 2.74 27.05
CA HIS A 95 28.14 3.99 27.20
C HIS A 95 28.78 4.38 25.87
N ARG A 96 29.11 5.66 25.71
CA ARG A 96 29.80 6.23 24.52
C ARG A 96 31.13 5.50 24.34
N GLU A 97 31.97 5.52 25.38
CA GLU A 97 33.35 4.95 25.40
C GLU A 97 33.30 3.48 25.00
N GLY A 98 32.39 2.71 25.62
CA GLY A 98 32.16 1.27 25.35
C GLY A 98 31.76 1.00 23.91
N LEU A 99 30.77 1.72 23.37
CA LEU A 99 30.27 1.51 21.98
C LEU A 99 31.40 1.75 20.98
N LEU A 100 32.16 2.84 21.12
CA LEU A 100 33.31 3.12 20.24
C LEU A 100 34.38 2.02 20.44
N ALA A 101 34.72 1.69 21.69
CA ALA A 101 35.60 0.55 22.05
C ALA A 101 35.21 -0.67 21.21
N ILE A 102 33.96 -1.15 21.37
CA ILE A 102 33.51 -2.39 20.68
C ILE A 102 33.77 -2.21 19.18
N PHE A 103 33.36 -1.09 18.60
CA PHE A 103 33.52 -0.83 17.13
C PHE A 103 35.00 -0.95 16.74
N LYS A 104 35.89 -0.24 17.44
CA LYS A 104 37.34 -0.15 17.09
C LYS A 104 38.02 -1.50 17.33
N SER A 105 37.57 -2.26 18.31
CA SER A 105 38.03 -3.64 18.62
C SER A 105 37.51 -4.65 17.59
N GLY A 106 36.96 -4.22 16.44
CA GLY A 106 36.35 -5.11 15.44
C GLY A 106 35.21 -5.96 16.00
N GLY A 107 34.49 -5.46 17.01
CA GLY A 107 33.36 -6.18 17.65
C GLY A 107 32.18 -6.46 16.73
N ILE A 108 31.94 -5.67 15.68
CA ILE A 108 30.71 -5.82 14.85
C ILE A 108 30.74 -7.11 14.04
N PRO A 109 31.85 -7.43 13.33
CA PRO A 109 32.03 -8.76 12.74
C PRO A 109 31.91 -9.94 13.73
N ALA A 110 32.53 -9.83 14.90
CA ALA A 110 32.47 -10.83 15.99
C ALA A 110 31.00 -11.08 16.37
N LEU A 111 30.30 -10.01 16.80
CA LEU A 111 28.89 -10.07 17.28
C LEU A 111 28.01 -10.68 16.20
N VAL A 112 28.23 -10.34 14.92
CA VAL A 112 27.43 -10.91 13.79
C VAL A 112 27.69 -12.42 13.73
N LYS A 113 28.94 -12.86 13.96
CA LYS A 113 29.25 -14.31 14.04
C LYS A 113 28.39 -14.92 15.14
N MET A 114 28.30 -14.25 16.30
CA MET A 114 27.59 -14.78 17.51
C MET A 114 26.06 -14.86 17.29
N LEU A 115 25.53 -14.28 16.21
CA LEU A 115 24.10 -14.39 15.84
C LEU A 115 23.83 -15.75 15.20
N GLY A 116 24.85 -16.60 15.07
CA GLY A 116 24.71 -18.04 14.75
C GLY A 116 24.79 -18.92 15.99
N SER A 117 25.07 -18.37 17.18
CA SER A 117 25.22 -19.13 18.45
C SER A 117 23.96 -19.97 18.71
N PRO A 118 24.11 -21.20 19.25
CA PRO A 118 22.99 -22.00 19.73
C PRO A 118 22.84 -21.94 21.30
N VAL A 119 23.37 -20.72 21.80
CA VAL A 119 23.08 -20.30 23.21
C VAL A 119 22.16 -19.09 23.17
N ASP A 120 21.01 -19.17 23.84
CA ASP A 120 19.95 -18.13 23.83
C ASP A 120 20.49 -16.85 24.48
N SER A 121 21.23 -16.95 25.59
CA SER A 121 21.78 -15.78 26.32
C SER A 121 22.77 -15.04 25.41
N VAL A 122 23.59 -15.78 24.66
CA VAL A 122 24.58 -15.22 23.70
C VAL A 122 23.84 -14.48 22.58
N LEU A 123 22.82 -15.09 21.95
CA LEU A 123 21.98 -14.42 20.90
C LEU A 123 21.41 -13.10 21.46
N PHE A 124 20.97 -13.08 22.72
CA PHE A 124 20.33 -11.90 23.35
C PHE A 124 21.33 -10.74 23.47
N TYR A 125 22.47 -11.05 24.06
CA TYR A 125 23.59 -10.12 24.30
C TYR A 125 24.11 -9.61 22.97
N ALA A 126 24.30 -10.50 21.99
CA ALA A 126 24.75 -10.18 20.62
C ALA A 126 23.82 -9.13 20.00
N ILE A 127 22.52 -9.41 19.98
CA ILE A 127 21.54 -8.62 19.19
C ILE A 127 21.30 -7.28 19.90
N THR A 128 21.31 -7.25 21.23
CA THR A 128 21.12 -5.98 22.00
C THR A 128 22.37 -5.13 21.75
N THR A 129 23.57 -5.72 21.76
CA THR A 129 24.84 -4.98 21.55
C THR A 129 24.82 -4.35 20.15
N LEU A 130 24.52 -5.12 19.11
CA LEU A 130 24.40 -4.65 17.70
C LEU A 130 23.32 -3.56 17.60
N HIS A 131 22.24 -3.72 18.37
CA HIS A 131 21.12 -2.74 18.45
C HIS A 131 21.63 -1.40 18.97
N ASN A 132 22.35 -1.41 20.09
CA ASN A 132 22.90 -0.17 20.69
C ASN A 132 23.86 0.46 19.68
N LEU A 133 24.71 -0.34 19.03
CA LEU A 133 25.65 0.14 18.00
C LEU A 133 24.88 0.79 16.85
N LEU A 134 23.86 0.13 16.30
CA LEU A 134 23.08 0.66 15.13
C LEU A 134 22.50 2.03 15.50
N LEU A 135 22.02 2.22 16.72
CA LEU A 135 21.37 3.49 17.14
C LEU A 135 22.39 4.56 17.58
N HIS A 136 23.52 4.18 18.16
CA HIS A 136 24.33 5.09 19.01
C HIS A 136 25.79 5.22 18.53
N GLN A 137 26.17 4.56 17.44
CA GLN A 137 27.58 4.60 16.97
C GLN A 137 27.61 4.83 15.45
N GLU A 138 27.99 6.03 15.01
CA GLU A 138 28.18 6.35 13.57
C GLU A 138 29.21 5.36 13.01
N GLY A 139 28.84 4.70 11.90
CA GLY A 139 29.69 3.76 11.13
C GLY A 139 29.16 2.35 11.20
N ALA A 140 28.29 2.08 12.18
CA ALA A 140 27.84 0.74 12.59
C ALA A 140 26.83 0.17 11.59
N LYS A 141 26.01 1.01 10.95
CA LYS A 141 24.99 0.52 9.98
C LYS A 141 25.68 -0.12 8.78
N MET A 142 26.61 0.58 8.13
CA MET A 142 27.44 0.08 7.00
CA MET A 142 27.33 -0.01 6.97
C MET A 142 28.27 -1.12 7.47
N ALA A 143 28.84 -1.02 8.67
CA ALA A 143 29.65 -2.10 9.28
C ALA A 143 28.83 -3.40 9.41
N VAL A 144 27.64 -3.33 10.00
CA VAL A 144 26.79 -4.53 10.25
C VAL A 144 26.41 -5.11 8.89
N ARG A 145 25.96 -4.26 7.97
CA ARG A 145 25.60 -4.65 6.57
C ARG A 145 26.74 -5.46 5.93
N LEU A 146 27.97 -4.95 5.97
CA LEU A 146 29.14 -5.59 5.28
C LEU A 146 29.52 -6.89 6.00
N ALA A 147 29.18 -7.07 7.29
CA ALA A 147 29.50 -8.30 8.06
C ALA A 147 28.43 -9.38 7.86
N GLY A 148 27.40 -9.13 7.03
CA GLY A 148 26.31 -10.09 6.77
C GLY A 148 25.30 -10.18 7.90
N GLY A 149 25.13 -9.09 8.67
CA GLY A 149 24.17 -9.00 9.78
C GLY A 149 22.73 -9.25 9.36
N LEU A 150 22.31 -8.78 8.19
CA LEU A 150 20.90 -8.91 7.72
C LEU A 150 20.51 -10.38 7.62
N GLN A 151 21.31 -11.16 6.91
CA GLN A 151 21.08 -12.62 6.68
C GLN A 151 20.94 -13.32 8.04
N LYS A 152 21.85 -13.02 8.97
CA LYS A 152 21.86 -13.58 10.35
C LYS A 152 20.58 -13.19 11.10
N MET A 153 20.17 -11.93 11.00
CA MET A 153 19.00 -11.39 11.74
C MET A 153 17.70 -11.93 11.16
N VAL A 154 17.55 -11.99 9.84
CA VAL A 154 16.34 -12.57 9.18
C VAL A 154 16.24 -14.05 9.58
N ALA A 155 17.37 -14.77 9.61
CA ALA A 155 17.42 -16.20 10.02
C ALA A 155 16.89 -16.33 11.46
N LEU A 156 17.13 -15.32 12.30
CA LEU A 156 16.74 -15.33 13.73
C LEU A 156 15.25 -15.02 13.94
N LEU A 157 14.50 -14.70 12.89
CA LEU A 157 13.06 -14.32 13.01
C LEU A 157 12.20 -15.55 13.36
N ASN A 158 12.79 -16.75 13.35
CA ASN A 158 12.13 -18.02 13.74
C ASN A 158 12.21 -18.25 15.26
N LYS A 159 12.98 -17.47 16.01
CA LYS A 159 13.01 -17.59 17.49
C LYS A 159 11.66 -17.16 18.05
N THR A 160 11.36 -17.47 19.31
CA THR A 160 10.01 -17.39 19.91
C THR A 160 9.94 -16.40 21.09
N ASN A 161 11.05 -15.85 21.54
CA ASN A 161 11.07 -14.82 22.61
C ASN A 161 10.66 -13.47 22.02
N VAL A 162 9.51 -12.95 22.46
CA VAL A 162 8.87 -11.76 21.84
C VAL A 162 9.75 -10.52 22.05
N LYS A 163 10.51 -10.47 23.14
CA LYS A 163 11.44 -9.33 23.45
C LYS A 163 12.67 -9.38 22.54
N PHE A 164 13.23 -10.58 22.34
CA PHE A 164 14.33 -10.85 21.39
C PHE A 164 13.90 -10.48 19.96
N LEU A 165 12.77 -11.02 19.51
CA LEU A 165 12.22 -10.73 18.14
C LEU A 165 11.99 -9.21 17.97
N ALA A 166 11.51 -8.52 18.99
CA ALA A 166 11.23 -7.07 18.95
C ALA A 166 12.52 -6.31 18.63
N ILE A 167 13.64 -6.76 19.24
CA ILE A 167 15.01 -6.17 19.05
C ILE A 167 15.51 -6.55 17.64
N THR A 168 15.28 -7.78 17.21
CA THR A 168 15.79 -8.27 15.90
C THR A 168 15.06 -7.52 14.78
N THR A 169 13.73 -7.41 14.85
CA THR A 169 12.93 -6.72 13.81
C THR A 169 13.30 -5.23 13.81
N ASP A 170 13.65 -4.67 14.97
CA ASP A 170 14.04 -3.24 15.05
C ASP A 170 15.39 -3.00 14.36
N CYS A 171 16.37 -3.89 14.53
CA CYS A 171 17.64 -3.87 13.76
C CYS A 171 17.32 -3.95 12.27
N LEU A 172 16.42 -4.86 11.88
CA LEU A 172 16.07 -5.05 10.44
C LEU A 172 15.46 -3.75 9.89
N GLN A 173 14.61 -3.07 10.66
CA GLN A 173 13.96 -1.81 10.21
C GLN A 173 15.03 -0.73 10.00
N ILE A 174 15.89 -0.52 11.00
CA ILE A 174 17.02 0.45 10.93
C ILE A 174 17.80 0.23 9.64
N LEU A 175 18.18 -1.03 9.34
CA LEU A 175 19.09 -1.40 8.21
C LEU A 175 18.34 -1.38 6.87
N ALA A 176 17.05 -1.71 6.83
CA ALA A 176 16.26 -1.75 5.57
C ALA A 176 15.93 -0.33 5.13
N TYR A 177 15.69 0.60 6.08
CA TYR A 177 15.22 1.98 5.81
C TYR A 177 16.18 2.70 4.85
N GLY A 178 15.66 3.11 3.68
CA GLY A 178 16.36 3.86 2.62
C GLY A 178 17.61 3.16 2.15
N ASN A 179 17.61 1.83 2.11
CA ASN A 179 18.73 1.02 1.58
C ASN A 179 18.14 -0.14 0.79
N GLN A 180 18.03 0.00 -0.53
CA GLN A 180 17.28 -0.94 -1.40
C GLN A 180 18.03 -2.27 -1.50
N GLU A 181 19.35 -2.30 -1.27
CA GLU A 181 20.12 -3.58 -1.27
C GLU A 181 19.68 -4.40 -0.06
N SER A 182 19.57 -3.77 1.11
CA SER A 182 19.20 -4.43 2.39
C SER A 182 17.78 -4.99 2.28
N LYS A 183 16.89 -4.31 1.56
CA LYS A 183 15.50 -4.78 1.32
C LYS A 183 15.54 -6.07 0.52
N LEU A 184 16.39 -6.11 -0.51
CA LEU A 184 16.52 -7.28 -1.41
C LEU A 184 17.19 -8.42 -0.65
N ILE A 185 18.11 -8.11 0.27
CA ILE A 185 18.75 -9.15 1.13
C ILE A 185 17.67 -9.72 2.06
N ILE A 186 16.83 -8.86 2.65
CA ILE A 186 15.74 -9.33 3.55
C ILE A 186 14.79 -10.23 2.74
N LEU A 187 14.40 -9.80 1.54
CA LEU A 187 13.55 -10.58 0.61
C LEU A 187 14.23 -11.91 0.29
N ALA A 188 15.50 -11.89 -0.12
CA ALA A 188 16.21 -13.11 -0.58
C ALA A 188 16.43 -14.08 0.60
N SER A 189 16.44 -13.61 1.85
CA SER A 189 16.68 -14.42 3.08
C SER A 189 15.35 -14.99 3.63
N GLY A 190 14.21 -14.70 3.00
CA GLY A 190 12.88 -15.20 3.42
C GLY A 190 12.21 -14.27 4.43
N GLY A 191 12.60 -13.00 4.44
CA GLY A 191 12.08 -12.00 5.38
C GLY A 191 10.56 -12.00 5.41
N PRO A 192 9.89 -11.70 4.27
CA PRO A 192 8.45 -11.42 4.27
C PRO A 192 7.61 -12.50 4.97
N GLN A 193 7.82 -13.77 4.61
CA GLN A 193 7.10 -14.93 5.21
C GLN A 193 7.29 -14.92 6.72
N ALA A 194 8.51 -14.71 7.21
CA ALA A 194 8.83 -14.73 8.65
C ALA A 194 8.10 -13.57 9.33
N LEU A 195 8.17 -12.38 8.77
CA LEU A 195 7.53 -11.16 9.31
C LEU A 195 5.99 -11.34 9.34
N VAL A 196 5.40 -11.87 8.27
CA VAL A 196 3.94 -12.16 8.22
C VAL A 196 3.61 -13.18 9.32
N ASN A 197 4.42 -14.22 9.49
CA ASN A 197 4.19 -15.28 10.50
C ASN A 197 4.16 -14.64 11.90
N ILE A 198 5.05 -13.69 12.18
CA ILE A 198 5.09 -12.96 13.47
C ILE A 198 3.71 -12.31 13.69
N MET A 199 3.22 -11.56 12.69
CA MET A 199 1.98 -10.73 12.80
C MET A 199 0.77 -11.60 13.15
N ARG A 200 0.82 -12.91 12.93
CA ARG A 200 -0.37 -13.77 13.13
C ARG A 200 -0.06 -14.86 14.16
N THR A 201 0.91 -14.62 15.04
CA THR A 201 1.29 -15.54 16.15
C THR A 201 1.30 -14.79 17.48
N TYR A 202 1.92 -13.61 17.54
CA TYR A 202 2.28 -12.95 18.82
C TYR A 202 1.25 -11.85 19.15
N THR A 203 1.10 -11.54 20.43
CA THR A 203 0.17 -10.49 20.91
C THR A 203 0.98 -9.33 21.46
N TYR A 204 2.30 -9.45 21.50
CA TYR A 204 3.18 -8.43 22.11
C TYR A 204 3.19 -7.21 21.19
N GLU A 205 2.63 -6.10 21.67
CA GLU A 205 2.38 -4.86 20.89
C GLU A 205 3.70 -4.32 20.34
N LYS A 206 4.76 -4.26 21.15
CA LYS A 206 6.07 -3.69 20.72
C LYS A 206 6.57 -4.47 19.49
N LEU A 207 6.43 -5.80 19.50
CA LEU A 207 6.92 -6.69 18.43
C LEU A 207 6.04 -6.53 17.20
N LEU A 208 4.73 -6.57 17.38
CA LEU A 208 3.75 -6.37 16.28
C LEU A 208 4.01 -5.02 15.59
N TRP A 209 4.20 -3.96 16.37
CA TRP A 209 4.44 -2.58 15.88
C TRP A 209 5.72 -2.54 15.06
N THR A 210 6.82 -2.96 15.68
CA THR A 210 8.17 -3.03 15.10
C THR A 210 8.13 -3.86 13.81
N THR A 211 7.43 -5.01 13.82
CA THR A 211 7.29 -5.87 12.63
C THR A 211 6.47 -5.13 11.55
N SER A 212 5.41 -4.41 11.94
CA SER A 212 4.54 -3.69 10.97
C SER A 212 5.38 -2.57 10.30
N ARG A 213 6.26 -1.94 11.08
CA ARG A 213 7.21 -0.90 10.61
C ARG A 213 8.24 -1.54 9.66
N VAL A 214 8.66 -2.78 9.87
CA VAL A 214 9.60 -3.45 8.92
C VAL A 214 8.85 -3.64 7.60
N LEU A 215 7.67 -4.25 7.65
CA LEU A 215 6.84 -4.58 6.47
C LEU A 215 6.47 -3.29 5.72
N LYS A 216 6.35 -2.17 6.43
CA LYS A 216 6.04 -0.86 5.81
C LYS A 216 7.22 -0.43 4.92
N VAL A 217 8.43 -0.38 5.46
CA VAL A 217 9.69 -0.12 4.69
C VAL A 217 9.73 -1.03 3.45
N LEU A 218 9.35 -2.31 3.59
CA LEU A 218 9.45 -3.31 2.49
C LEU A 218 8.29 -3.15 1.49
N SER A 219 7.15 -2.60 1.93
CA SER A 219 5.88 -2.50 1.16
C SER A 219 6.06 -1.59 -0.06
N VAL A 220 7.01 -0.66 -0.03
CA VAL A 220 7.26 0.26 -1.17
C VAL A 220 8.23 -0.36 -2.16
N CYS A 221 8.86 -1.50 -1.85
CA CYS A 221 9.80 -2.26 -2.72
C CYS A 221 8.98 -3.16 -3.65
N SER A 222 9.02 -2.93 -4.96
CA SER A 222 8.20 -3.69 -5.95
C SER A 222 8.62 -5.16 -5.98
N SER A 223 9.76 -5.52 -5.39
CA SER A 223 10.17 -6.94 -5.18
C SER A 223 9.38 -7.52 -4.01
N ASN A 224 9.53 -6.90 -2.84
CA ASN A 224 8.99 -7.40 -1.54
C ASN A 224 7.46 -7.38 -1.58
N LYS A 225 6.87 -6.33 -2.14
CA LYS A 225 5.41 -6.07 -2.13
C LYS A 225 4.67 -7.36 -2.49
N PRO A 226 4.89 -7.96 -3.68
CA PRO A 226 4.20 -9.20 -4.03
C PRO A 226 4.56 -10.41 -3.14
N ALA A 227 5.78 -10.48 -2.58
CA ALA A 227 6.19 -11.57 -1.66
C ALA A 227 5.41 -11.46 -0.34
N ILE A 228 5.19 -10.25 0.15
CA ILE A 228 4.45 -9.99 1.41
C ILE A 228 2.98 -10.42 1.22
N VAL A 229 2.41 -10.11 0.05
CA VAL A 229 0.97 -10.39 -0.26
C VAL A 229 0.78 -11.90 -0.38
N GLU A 230 1.68 -12.56 -1.11
CA GLU A 230 1.68 -14.03 -1.35
C GLU A 230 2.01 -14.78 -0.05
N ALA A 231 2.73 -14.16 0.89
CA ALA A 231 2.99 -14.72 2.23
C ALA A 231 1.73 -14.61 3.09
N GLY A 232 0.69 -13.92 2.59
CA GLY A 232 -0.63 -13.74 3.25
C GLY A 232 -0.61 -12.51 4.12
N GLY A 233 0.15 -11.48 3.73
CA GLY A 233 0.40 -10.26 4.53
C GLY A 233 -0.82 -9.35 4.66
N MET A 234 -1.69 -9.28 3.65
CA MET A 234 -2.96 -8.48 3.73
C MET A 234 -3.77 -8.95 4.94
N GLN A 235 -3.94 -10.27 5.07
CA GLN A 235 -4.84 -10.93 6.05
C GLN A 235 -4.23 -10.79 7.45
N ALA A 236 -2.90 -10.97 7.56
CA ALA A 236 -2.14 -10.88 8.82
C ALA A 236 -2.22 -9.44 9.37
N LEU A 237 -1.86 -8.45 8.56
CA LEU A 237 -1.97 -7.02 8.95
C LEU A 237 -3.43 -6.70 9.30
N GLY A 238 -4.38 -7.37 8.63
CA GLY A 238 -5.85 -7.26 8.86
C GLY A 238 -6.23 -7.57 10.29
N LEU A 239 -5.67 -8.64 10.86
CA LEU A 239 -5.88 -9.07 12.28
C LEU A 239 -5.76 -7.89 13.25
N HIS A 240 -5.01 -6.83 12.93
CA HIS A 240 -4.57 -5.81 13.92
C HIS A 240 -5.28 -4.47 13.75
N LEU A 241 -6.22 -4.36 12.83
CA LEU A 241 -6.81 -3.05 12.44
C LEU A 241 -7.72 -2.50 13.54
N THR A 242 -8.13 -3.33 14.50
CA THR A 242 -9.01 -2.92 15.62
C THR A 242 -8.26 -3.06 16.95
N ASP A 243 -6.94 -2.89 16.93
CA ASP A 243 -6.08 -3.01 18.13
C ASP A 243 -6.20 -1.75 18.97
N PRO A 244 -6.15 -1.84 20.33
CA PRO A 244 -6.10 -0.64 21.15
C PRO A 244 -4.99 0.34 20.75
N SER A 245 -3.87 -0.16 20.22
CA SER A 245 -2.66 0.65 19.94
C SER A 245 -2.82 1.40 18.62
N GLN A 246 -2.84 2.73 18.68
CA GLN A 246 -2.95 3.58 17.47
C GLN A 246 -1.81 3.23 16.53
N ARG A 247 -0.57 3.39 17.00
CA ARG A 247 0.63 3.24 16.14
C ARG A 247 0.63 1.86 15.48
N LEU A 248 0.17 0.82 16.16
CA LEU A 248 0.04 -0.51 15.50
C LEU A 248 -0.95 -0.36 14.34
N VAL A 249 -2.18 0.07 14.63
CA VAL A 249 -3.27 0.14 13.62
C VAL A 249 -2.79 0.99 12.43
N GLN A 250 -2.19 2.14 12.69
CA GLN A 250 -1.81 3.13 11.64
C GLN A 250 -0.72 2.51 10.74
N ASN A 251 0.30 1.87 11.31
CA ASN A 251 1.42 1.29 10.51
C ASN A 251 0.89 0.12 9.68
N CYS A 252 -0.08 -0.64 10.22
CA CYS A 252 -0.78 -1.73 9.49
C CYS A 252 -1.57 -1.14 8.32
N LEU A 253 -2.36 -0.07 8.55
CA LEU A 253 -3.19 0.62 7.52
C LEU A 253 -2.30 1.11 6.38
N TRP A 254 -1.24 1.87 6.72
CA TRP A 254 -0.24 2.40 5.76
C TRP A 254 0.35 1.25 4.95
N THR A 255 0.70 0.13 5.58
CA THR A 255 1.34 -1.02 4.90
C THR A 255 0.34 -1.63 3.92
N LEU A 256 -0.86 -1.95 4.41
CA LEU A 256 -1.98 -2.49 3.59
C LEU A 256 -2.23 -1.60 2.37
N ARG A 257 -2.27 -0.29 2.54
CA ARG A 257 -2.44 0.67 1.43
C ARG A 257 -1.32 0.47 0.40
N ASN A 258 -0.07 0.44 0.87
CA ASN A 258 1.13 0.29 0.02
C ASN A 258 1.01 -1.03 -0.74
N LEU A 259 0.49 -2.07 -0.09
CA LEU A 259 0.43 -3.45 -0.65
C LEU A 259 -0.83 -3.61 -1.52
N SER A 260 -1.91 -2.87 -1.22
CA SER A 260 -3.29 -3.19 -1.69
C SER A 260 -3.35 -3.37 -3.22
N ASP A 261 -2.59 -2.58 -3.99
CA ASP A 261 -2.67 -2.59 -5.49
C ASP A 261 -2.08 -3.88 -6.04
N ALA A 262 -1.38 -4.67 -5.21
CA ALA A 262 -0.79 -5.98 -5.60
C ALA A 262 -1.63 -7.14 -5.04
N ALA A 263 -2.81 -6.88 -4.45
CA ALA A 263 -3.58 -7.87 -3.67
C ALA A 263 -4.97 -8.13 -4.27
N THR A 264 -5.28 -7.61 -5.46
CA THR A 264 -6.62 -7.70 -6.10
C THR A 264 -7.04 -9.17 -6.36
N LYS A 265 -6.11 -10.11 -6.37
CA LYS A 265 -6.36 -11.54 -6.67
C LYS A 265 -6.24 -12.42 -5.41
N GLN A 266 -5.92 -11.86 -4.25
CA GLN A 266 -5.91 -12.63 -2.97
C GLN A 266 -7.34 -13.03 -2.63
N GLU A 267 -7.52 -14.19 -2.01
CA GLU A 267 -8.82 -14.63 -1.44
C GLU A 267 -8.71 -14.69 0.08
N GLY A 268 -9.82 -15.02 0.75
CA GLY A 268 -9.97 -14.93 2.21
C GLY A 268 -9.73 -13.51 2.70
N MET A 269 -10.32 -12.51 2.05
CA MET A 269 -10.12 -11.09 2.41
C MET A 269 -11.39 -10.49 3.00
N GLU A 270 -12.40 -11.31 3.28
CA GLU A 270 -13.71 -10.83 3.80
C GLU A 270 -13.50 -10.13 5.16
N GLY A 271 -12.70 -10.71 6.05
CA GLY A 271 -12.41 -10.12 7.36
C GLY A 271 -11.88 -8.72 7.19
N LEU A 272 -10.81 -8.59 6.41
CA LEU A 272 -10.19 -7.28 6.08
C LEU A 272 -11.28 -6.32 5.58
N LEU A 273 -11.95 -6.66 4.47
CA LEU A 273 -12.91 -5.76 3.78
C LEU A 273 -13.99 -5.28 4.76
N GLY A 274 -14.46 -6.17 5.64
CA GLY A 274 -15.45 -5.87 6.68
C GLY A 274 -14.94 -4.80 7.63
N THR A 275 -13.70 -4.95 8.09
CA THR A 275 -13.05 -3.98 9.00
C THR A 275 -12.84 -2.65 8.25
N LEU A 276 -12.46 -2.68 6.97
CA LEU A 276 -12.17 -1.44 6.20
C LEU A 276 -13.48 -0.66 6.02
N VAL A 277 -14.60 -1.37 5.84
CA VAL A 277 -15.92 -0.70 5.72
C VAL A 277 -16.25 -0.05 7.08
N GLN A 278 -15.87 -0.70 8.17
CA GLN A 278 -16.13 -0.21 9.55
C GLN A 278 -15.21 1.00 9.81
N LEU A 279 -13.98 1.01 9.29
CA LEU A 279 -12.96 2.08 9.52
C LEU A 279 -13.33 3.35 8.75
N LEU A 280 -14.08 3.24 7.65
CA LEU A 280 -14.66 4.42 6.95
C LEU A 280 -15.38 5.31 7.97
N GLY A 281 -15.85 4.76 9.09
CA GLY A 281 -16.63 5.50 10.10
C GLY A 281 -15.77 6.15 11.16
N SER A 282 -14.44 5.93 11.13
CA SER A 282 -13.46 6.49 12.10
C SER A 282 -13.58 8.02 12.20
N ASP A 283 -13.33 8.57 13.39
CA ASP A 283 -13.19 10.04 13.64
C ASP A 283 -11.89 10.57 13.01
N ASP A 284 -10.89 9.71 12.80
CA ASP A 284 -9.58 10.07 12.21
C ASP A 284 -9.71 10.04 10.68
N ILE A 285 -9.48 11.16 10.01
CA ILE A 285 -9.64 11.28 8.54
C ILE A 285 -8.50 10.54 7.82
N ASN A 286 -7.34 10.35 8.47
CA ASN A 286 -6.24 9.51 7.93
C ASN A 286 -6.72 8.06 7.83
N VAL A 287 -7.36 7.55 8.88
CA VAL A 287 -7.93 6.17 8.91
C VAL A 287 -8.96 6.04 7.76
N VAL A 288 -9.83 7.04 7.61
CA VAL A 288 -10.91 7.02 6.58
C VAL A 288 -10.26 6.98 5.19
N THR A 289 -9.24 7.81 4.96
CA THR A 289 -8.53 7.97 3.66
C THR A 289 -7.83 6.66 3.27
N CYS A 290 -7.07 6.02 4.17
CA CYS A 290 -6.38 4.73 3.89
C CYS A 290 -7.40 3.63 3.59
N ALA A 291 -8.47 3.55 4.37
CA ALA A 291 -9.56 2.56 4.20
C ALA A 291 -10.16 2.73 2.81
N ALA A 292 -10.45 3.98 2.41
CA ALA A 292 -11.06 4.30 1.09
C ALA A 292 -10.12 3.81 -0.03
N GLY A 293 -8.83 4.14 0.06
CA GLY A 293 -7.81 3.77 -0.94
C GLY A 293 -7.61 2.27 -1.04
N ILE A 294 -7.54 1.58 0.10
CA ILE A 294 -7.37 0.09 0.15
C ILE A 294 -8.61 -0.54 -0.49
N LEU A 295 -9.81 -0.13 -0.06
CA LEU A 295 -11.10 -0.60 -0.62
C LEU A 295 -11.18 -0.33 -2.14
N SER A 296 -10.76 0.86 -2.56
CA SER A 296 -10.73 1.25 -4.00
C SER A 296 -9.96 0.17 -4.77
N ASN A 297 -8.76 -0.17 -4.29
CA ASN A 297 -7.81 -1.08 -4.99
C ASN A 297 -8.34 -2.52 -4.97
N LEU A 298 -8.84 -2.98 -3.82
CA LEU A 298 -9.28 -4.40 -3.61
C LEU A 298 -10.62 -4.65 -4.31
N THR A 299 -11.36 -3.59 -4.68
CA THR A 299 -12.63 -3.73 -5.45
C THR A 299 -12.31 -3.68 -6.94
N CYS A 300 -11.07 -3.38 -7.32
CA CYS A 300 -10.57 -3.36 -8.72
C CYS A 300 -10.51 -4.80 -9.29
N ASN A 301 -11.26 -4.99 -10.39
CA ASN A 301 -11.63 -6.25 -11.11
C ASN A 301 -11.47 -7.49 -10.21
N ASN A 302 -12.15 -7.50 -9.06
CA ASN A 302 -12.40 -8.72 -8.23
C ASN A 302 -13.85 -8.70 -7.72
N TYR A 303 -14.70 -9.55 -8.30
CA TYR A 303 -16.17 -9.53 -8.11
C TYR A 303 -16.54 -10.11 -6.74
N LYS A 304 -15.72 -11.00 -6.18
CA LYS A 304 -15.96 -11.58 -4.81
C LYS A 304 -15.83 -10.46 -3.78
N ASN A 305 -14.77 -9.66 -3.89
CA ASN A 305 -14.54 -8.45 -3.04
C ASN A 305 -15.74 -7.50 -3.19
N LYS A 306 -16.08 -7.12 -4.44
CA LYS A 306 -17.21 -6.22 -4.76
C LYS A 306 -18.47 -6.72 -4.05
N MET A 307 -18.78 -8.01 -4.15
CA MET A 307 -19.96 -8.60 -3.49
C MET A 307 -19.84 -8.50 -1.98
N MET A 308 -18.69 -8.84 -1.40
CA MET A 308 -18.49 -8.84 0.06
C MET A 308 -18.70 -7.43 0.61
N VAL A 309 -18.08 -6.42 -0.02
CA VAL A 309 -18.19 -4.98 0.38
C VAL A 309 -19.66 -4.55 0.32
N CYS A 310 -20.42 -5.00 -0.68
CA CYS A 310 -21.87 -4.70 -0.76
C CYS A 310 -22.60 -5.37 0.41
N GLN A 311 -22.28 -6.62 0.72
CA GLN A 311 -22.93 -7.43 1.80
C GLN A 311 -22.79 -6.80 3.18
N VAL A 312 -21.72 -6.03 3.45
CA VAL A 312 -21.43 -5.46 4.80
C VAL A 312 -21.69 -3.94 4.86
N GLY A 313 -22.62 -3.40 4.06
CA GLY A 313 -23.02 -1.99 4.11
C GLY A 313 -22.02 -1.06 3.43
N GLY A 314 -21.18 -1.60 2.56
CA GLY A 314 -20.15 -0.82 1.82
C GLY A 314 -20.72 0.38 1.09
N ILE A 315 -21.81 0.22 0.33
CA ILE A 315 -22.35 1.33 -0.52
C ILE A 315 -22.72 2.50 0.39
N GLU A 316 -23.52 2.24 1.42
CA GLU A 316 -23.93 3.27 2.41
C GLU A 316 -22.69 3.93 3.00
N ALA A 317 -21.71 3.15 3.48
CA ALA A 317 -20.52 3.65 4.19
C ALA A 317 -19.71 4.56 3.27
N LEU A 318 -19.56 4.18 2.00
CA LEU A 318 -18.79 4.98 1.00
C LEU A 318 -19.56 6.26 0.65
N VAL A 319 -20.86 6.16 0.38
CA VAL A 319 -21.74 7.34 0.12
C VAL A 319 -21.52 8.36 1.25
N ARG A 320 -21.48 7.90 2.49
CA ARG A 320 -21.32 8.76 3.70
C ARG A 320 -19.91 9.32 3.77
N THR A 321 -18.90 8.56 3.34
CA THR A 321 -17.50 9.05 3.28
C THR A 321 -17.46 10.25 2.32
N VAL A 322 -18.09 10.12 1.14
CA VAL A 322 -18.09 11.15 0.08
C VAL A 322 -18.78 12.42 0.61
N LEU A 323 -19.94 12.28 1.24
CA LEU A 323 -20.62 13.41 1.93
C LEU A 323 -19.65 14.03 2.96
N ARG A 324 -19.09 13.21 3.84
CA ARG A 324 -18.16 13.65 4.91
C ARG A 324 -16.98 14.39 4.29
N ALA A 325 -16.42 13.86 3.19
CA ALA A 325 -15.16 14.33 2.58
C ALA A 325 -15.32 15.74 2.00
N GLY A 326 -16.48 16.07 1.44
CA GLY A 326 -16.69 17.34 0.73
C GLY A 326 -15.70 17.49 -0.42
N ASP A 327 -14.87 18.53 -0.40
CA ASP A 327 -13.91 18.86 -1.49
C ASP A 327 -12.58 18.12 -1.29
N ARG A 328 -12.28 17.59 -0.10
CA ARG A 328 -11.01 16.86 0.19
C ARG A 328 -10.88 15.69 -0.80
N GLU A 329 -10.24 15.94 -1.94
CA GLU A 329 -10.22 15.00 -3.09
C GLU A 329 -9.42 13.74 -2.75
N ASP A 330 -8.56 13.78 -1.72
CA ASP A 330 -7.80 12.59 -1.26
C ASP A 330 -8.75 11.53 -0.74
N ILE A 331 -9.91 11.94 -0.20
CA ILE A 331 -10.98 10.98 0.23
C ILE A 331 -11.89 10.66 -0.96
N THR A 332 -12.37 11.66 -1.70
CA THR A 332 -13.51 11.45 -2.65
C THR A 332 -13.04 10.62 -3.86
N GLU A 333 -11.82 10.82 -4.33
CA GLU A 333 -11.31 10.11 -5.53
C GLU A 333 -11.37 8.60 -5.30
N PRO A 334 -10.73 8.04 -4.23
CA PRO A 334 -10.80 6.60 -3.98
C PRO A 334 -12.19 6.12 -3.52
N ALA A 335 -12.95 6.93 -2.79
CA ALA A 335 -14.35 6.60 -2.42
C ALA A 335 -15.20 6.45 -3.69
N ILE A 336 -15.02 7.36 -4.67
CA ILE A 336 -15.82 7.39 -5.93
C ILE A 336 -15.38 6.22 -6.83
N CYS A 337 -14.09 5.93 -6.91
CA CYS A 337 -13.56 4.75 -7.67
C CYS A 337 -14.17 3.45 -7.12
N ALA A 338 -14.27 3.36 -5.79
CA ALA A 338 -14.83 2.18 -5.08
C ALA A 338 -16.31 2.04 -5.48
N LEU A 339 -17.11 3.08 -5.28
CA LEU A 339 -18.52 3.13 -5.76
C LEU A 339 -18.59 2.74 -7.25
N ARG A 340 -17.70 3.27 -8.09
CA ARG A 340 -17.60 2.91 -9.54
C ARG A 340 -17.41 1.40 -9.67
N HIS A 341 -16.38 0.83 -9.03
CA HIS A 341 -16.10 -0.64 -9.10
C HIS A 341 -17.30 -1.46 -8.60
N LEU A 342 -17.98 -1.00 -7.55
CA LEU A 342 -19.10 -1.69 -6.88
C LEU A 342 -20.39 -1.62 -7.70
N THR A 343 -20.49 -0.70 -8.66
CA THR A 343 -21.73 -0.45 -9.43
C THR A 343 -21.62 -1.08 -10.82
N SER A 344 -20.71 -2.04 -11.03
CA SER A 344 -20.54 -2.72 -12.34
C SER A 344 -19.93 -4.12 -12.19
N ARG A 345 -20.30 -4.99 -13.14
CA ARG A 345 -19.68 -6.30 -13.45
C ARG A 345 -19.57 -7.17 -12.18
N HIS A 346 -20.69 -7.43 -11.52
CA HIS A 346 -20.79 -8.44 -10.43
C HIS A 346 -22.25 -8.62 -10.08
N GLN A 347 -22.59 -9.79 -9.51
CA GLN A 347 -24.00 -10.25 -9.32
C GLN A 347 -24.84 -9.19 -8.59
N GLU A 348 -24.22 -8.28 -7.82
CA GLU A 348 -24.92 -7.33 -6.92
C GLU A 348 -24.65 -5.88 -7.37
N ALA A 349 -24.18 -5.68 -8.60
CA ALA A 349 -23.96 -4.36 -9.23
C ALA A 349 -25.27 -3.58 -9.30
N GLU A 350 -26.39 -4.26 -9.59
CA GLU A 350 -27.72 -3.61 -9.75
C GLU A 350 -28.21 -3.13 -8.37
N MET A 351 -28.10 -3.98 -7.33
CA MET A 351 -28.45 -3.61 -5.93
C MET A 351 -27.69 -2.33 -5.55
N ALA A 352 -26.40 -2.26 -5.90
CA ALA A 352 -25.47 -1.17 -5.51
C ALA A 352 -25.91 0.13 -6.20
N GLN A 353 -26.19 0.07 -7.51
CA GLN A 353 -26.70 1.21 -8.33
C GLN A 353 -27.94 1.83 -7.68
N ASN A 354 -28.84 1.01 -7.15
CA ASN A 354 -30.04 1.48 -6.41
C ASN A 354 -29.64 2.09 -5.08
N ALA A 355 -28.73 1.44 -4.35
CA ALA A 355 -28.34 1.79 -2.96
C ALA A 355 -27.76 3.20 -2.91
N VAL A 356 -26.90 3.54 -3.89
CA VAL A 356 -26.31 4.90 -4.04
C VAL A 356 -27.44 5.95 -4.02
N ARG A 357 -28.53 5.71 -4.77
CA ARG A 357 -29.68 6.66 -4.83
C ARG A 357 -30.39 6.67 -3.48
N LEU A 358 -30.68 5.48 -2.93
CA LEU A 358 -31.50 5.31 -1.70
C LEU A 358 -30.75 5.88 -0.49
N HIS A 359 -29.42 5.86 -0.50
CA HIS A 359 -28.58 6.46 0.57
C HIS A 359 -28.22 7.92 0.25
N TYR A 360 -28.94 8.55 -0.69
CA TYR A 360 -28.86 10.01 -0.99
C TYR A 360 -27.51 10.39 -1.62
N GLY A 361 -26.97 9.53 -2.47
CA GLY A 361 -25.66 9.71 -3.11
C GLY A 361 -25.72 10.53 -4.39
N LEU A 362 -26.84 10.48 -5.13
CA LEU A 362 -26.90 11.04 -6.50
C LEU A 362 -26.60 12.53 -6.47
N PRO A 363 -27.17 13.33 -5.56
CA PRO A 363 -26.91 14.77 -5.58
C PRO A 363 -25.40 15.02 -5.42
N VAL A 364 -24.76 14.44 -4.41
CA VAL A 364 -23.31 14.71 -4.14
C VAL A 364 -22.51 14.23 -5.36
N VAL A 365 -22.91 13.12 -5.98
CA VAL A 365 -22.12 12.51 -7.08
C VAL A 365 -22.10 13.48 -8.26
N VAL A 366 -23.26 14.03 -8.63
CA VAL A 366 -23.40 14.95 -9.81
C VAL A 366 -22.67 16.26 -9.50
N LYS A 367 -22.76 16.73 -8.25
CA LYS A 367 -22.04 17.93 -7.74
C LYS A 367 -20.53 17.81 -7.99
N LEU A 368 -19.93 16.63 -7.82
CA LEU A 368 -18.47 16.42 -7.92
C LEU A 368 -17.98 16.53 -9.36
N LEU A 369 -18.86 16.62 -10.35
CA LEU A 369 -18.47 16.86 -11.78
C LEU A 369 -18.05 18.32 -11.96
N HIS A 370 -18.40 19.20 -11.02
CA HIS A 370 -18.17 20.66 -11.10
C HIS A 370 -16.87 21.03 -10.39
N PRO A 371 -16.36 22.26 -10.58
CA PRO A 371 -15.21 22.72 -9.80
C PRO A 371 -15.66 22.90 -8.35
N PRO A 372 -14.77 22.78 -7.34
CA PRO A 372 -13.33 22.75 -7.56
C PRO A 372 -12.70 21.39 -7.86
N SER A 373 -13.50 20.38 -8.25
CA SER A 373 -12.98 19.02 -8.57
C SER A 373 -11.94 19.12 -9.67
N HIS A 374 -10.83 18.39 -9.54
CA HIS A 374 -9.77 18.23 -10.56
C HIS A 374 -10.12 17.04 -11.45
N TRP A 375 -9.39 16.87 -12.56
CA TRP A 375 -9.74 15.97 -13.69
C TRP A 375 -9.83 14.52 -13.22
N PRO A 376 -8.87 14.03 -12.42
CA PRO A 376 -8.90 12.63 -11.94
C PRO A 376 -10.17 12.27 -11.15
N LEU A 377 -10.66 13.16 -10.27
CA LEU A 377 -11.94 12.93 -9.55
C LEU A 377 -13.10 13.00 -10.56
N ILE A 378 -13.09 14.01 -11.45
CA ILE A 378 -14.18 14.20 -12.45
C ILE A 378 -14.25 12.96 -13.34
N LYS A 379 -13.09 12.43 -13.73
CA LYS A 379 -13.02 11.20 -14.56
C LYS A 379 -13.65 10.03 -13.80
N ALA A 380 -13.36 9.84 -12.52
CA ALA A 380 -13.93 8.73 -11.71
C ALA A 380 -15.45 8.93 -11.57
N THR A 381 -15.86 10.16 -11.25
CA THR A 381 -17.27 10.55 -11.08
C THR A 381 -18.08 10.29 -12.36
N VAL A 382 -17.49 10.54 -13.54
CA VAL A 382 -18.20 10.29 -14.83
C VAL A 382 -18.41 8.77 -14.97
N GLY A 383 -17.35 7.99 -14.69
CA GLY A 383 -17.39 6.52 -14.74
C GLY A 383 -18.46 5.96 -13.84
N LEU A 384 -18.65 6.58 -12.67
CA LEU A 384 -19.66 6.14 -11.67
C LEU A 384 -21.05 6.47 -12.22
N ILE A 385 -21.28 7.71 -12.65
CA ILE A 385 -22.60 8.18 -13.18
C ILE A 385 -23.03 7.26 -14.33
N ARG A 386 -22.07 6.90 -15.17
CA ARG A 386 -22.25 5.97 -16.30
C ARG A 386 -22.83 4.66 -15.75
N ASN A 387 -22.26 4.11 -14.68
CA ASN A 387 -22.73 2.87 -14.02
C ASN A 387 -24.09 3.10 -13.35
N LEU A 388 -24.25 4.19 -12.61
CA LEU A 388 -25.52 4.47 -11.89
C LEU A 388 -26.68 4.52 -12.87
N ALA A 389 -26.43 5.00 -14.10
CA ALA A 389 -27.45 5.21 -15.14
C ALA A 389 -27.90 3.89 -15.77
N LEU A 390 -27.23 2.76 -15.48
CA LEU A 390 -27.65 1.40 -15.92
C LEU A 390 -28.95 0.97 -15.22
N CYS A 391 -29.18 1.51 -14.03
CA CYS A 391 -30.43 1.34 -13.24
C CYS A 391 -31.45 2.36 -13.71
N PRO A 392 -32.57 1.91 -14.35
CA PRO A 392 -33.59 2.83 -14.86
C PRO A 392 -34.15 3.80 -13.82
N ALA A 393 -34.16 3.42 -12.54
CA ALA A 393 -34.69 4.26 -11.44
C ALA A 393 -33.75 5.45 -11.18
N ASN A 394 -32.57 5.48 -11.79
CA ASN A 394 -31.58 6.59 -11.65
C ASN A 394 -31.72 7.59 -12.80
N HIS A 395 -32.34 7.18 -13.92
CA HIS A 395 -32.48 7.99 -15.16
C HIS A 395 -33.01 9.38 -14.82
N ALA A 396 -34.20 9.44 -14.20
CA ALA A 396 -34.88 10.71 -13.83
C ALA A 396 -34.09 11.46 -12.76
N PRO A 397 -33.76 10.84 -11.59
CA PRO A 397 -32.93 11.50 -10.59
C PRO A 397 -31.67 12.19 -11.15
N LEU A 398 -30.87 11.50 -11.97
CA LEU A 398 -29.62 12.05 -12.57
C LEU A 398 -29.97 13.24 -13.48
N ARG A 399 -30.98 13.09 -14.35
CA ARG A 399 -31.51 14.19 -15.20
C ARG A 399 -31.82 15.39 -14.31
N GLU A 400 -32.60 15.16 -13.24
CA GLU A 400 -33.10 16.20 -12.30
C GLU A 400 -31.95 16.88 -11.55
N GLN A 401 -30.80 16.23 -11.36
CA GLN A 401 -29.60 16.84 -10.70
C GLN A 401 -28.73 17.54 -11.74
N GLY A 402 -29.15 17.54 -13.02
CA GLY A 402 -28.51 18.30 -14.11
C GLY A 402 -27.22 17.63 -14.58
N ALA A 403 -27.10 16.31 -14.40
CA ALA A 403 -25.94 15.53 -14.88
C ALA A 403 -25.70 15.84 -16.36
N ILE A 404 -26.74 15.74 -17.18
CA ILE A 404 -26.65 15.74 -18.67
C ILE A 404 -25.99 17.02 -19.17
N PRO A 405 -26.51 18.24 -18.86
CA PRO A 405 -25.86 19.46 -19.37
C PRO A 405 -24.40 19.53 -18.92
N ARG A 406 -24.09 19.12 -17.69
CA ARG A 406 -22.71 19.18 -17.18
C ARG A 406 -21.82 18.14 -17.89
N LEU A 407 -22.33 16.95 -18.18
CA LEU A 407 -21.60 15.90 -18.96
C LEU A 407 -21.29 16.41 -20.37
N VAL A 408 -22.23 17.12 -21.00
CA VAL A 408 -22.07 17.66 -22.38
C VAL A 408 -21.01 18.78 -22.35
N GLN A 409 -21.04 19.62 -21.32
CA GLN A 409 -20.09 20.75 -21.17
C GLN A 409 -18.66 20.21 -21.03
N LEU A 410 -18.47 19.20 -20.19
CA LEU A 410 -17.17 18.50 -20.03
C LEU A 410 -16.74 17.90 -21.37
N LEU A 411 -17.67 17.24 -22.07
CA LEU A 411 -17.41 16.58 -23.38
C LEU A 411 -16.90 17.60 -24.39
N VAL A 412 -17.59 18.73 -24.56
CA VAL A 412 -17.27 19.76 -25.59
C VAL A 412 -15.86 20.29 -25.35
N ARG A 413 -15.59 20.71 -24.11
CA ARG A 413 -14.29 21.22 -23.63
C ARG A 413 -13.19 20.21 -23.93
N ALA A 414 -13.36 18.95 -23.54
CA ALA A 414 -12.36 17.88 -23.79
C ALA A 414 -12.09 17.81 -25.29
N HIS A 415 -13.15 17.76 -26.11
CA HIS A 415 -13.08 17.64 -27.59
C HIS A 415 -12.34 18.85 -28.18
N GLN A 416 -12.61 20.04 -27.65
CA GLN A 416 -11.92 21.29 -28.08
C GLN A 416 -10.46 21.26 -27.61
N ASP A 417 -10.21 20.84 -26.35
CA ASP A 417 -8.85 20.69 -25.78
C ASP A 417 -8.03 19.71 -26.62
N THR A 418 -8.63 18.61 -27.06
CA THR A 418 -7.91 17.52 -27.77
C THR A 418 -7.44 17.99 -29.15
N GLN A 419 -8.03 19.07 -29.68
CA GLN A 419 -7.68 19.59 -31.03
C GLN A 419 -6.58 20.67 -30.92
N ARG A 420 -5.46 20.33 -30.24
CA ARG A 420 -4.13 21.01 -30.31
C ARG A 420 -3.04 19.96 -30.05
N PHE A 431 -1.90 15.04 -21.59
CA PHE A 431 -2.81 16.21 -21.41
C PHE A 431 -2.93 16.52 -19.90
N VAL A 432 -4.03 17.19 -19.49
CA VAL A 432 -4.18 18.06 -18.29
C VAL A 432 -4.30 17.22 -17.01
N GLU A 433 -3.72 17.71 -15.90
CA GLU A 433 -3.77 17.17 -14.50
C GLU A 433 -3.58 15.65 -14.47
N GLY A 434 -2.70 15.11 -15.32
CA GLY A 434 -2.38 13.68 -15.42
C GLY A 434 -3.55 12.85 -15.93
N VAL A 435 -4.47 13.46 -16.68
CA VAL A 435 -5.59 12.77 -17.36
C VAL A 435 -5.56 13.17 -18.84
N ARG A 436 -5.82 12.21 -19.72
CA ARG A 436 -5.98 12.46 -21.18
C ARG A 436 -7.39 12.97 -21.44
N MET A 437 -7.55 14.07 -22.17
CA MET A 437 -8.87 14.64 -22.50
C MET A 437 -9.63 13.65 -23.42
N GLU A 438 -8.90 12.87 -24.22
CA GLU A 438 -9.44 11.76 -25.05
C GLU A 438 -10.23 10.83 -24.14
N GLU A 439 -9.91 10.83 -22.85
CA GLU A 439 -10.45 9.90 -21.82
C GLU A 439 -11.77 10.49 -21.29
N ILE A 440 -11.81 11.81 -21.09
CA ILE A 440 -13.03 12.59 -20.72
C ILE A 440 -14.04 12.49 -21.87
N VAL A 441 -13.59 12.59 -23.11
CA VAL A 441 -14.47 12.46 -24.32
C VAL A 441 -15.13 11.09 -24.30
N GLU A 442 -14.36 10.02 -24.02
CA GLU A 442 -14.95 8.65 -23.99
C GLU A 442 -15.97 8.56 -22.85
N GLY A 443 -15.53 8.88 -21.63
CA GLY A 443 -16.34 8.74 -20.41
C GLY A 443 -17.68 9.41 -20.53
N CYS A 444 -17.68 10.69 -20.86
CA CYS A 444 -18.86 11.57 -20.98
C CYS A 444 -19.82 11.03 -22.05
N THR A 445 -19.31 10.64 -23.22
CA THR A 445 -20.14 10.09 -24.33
C THR A 445 -20.72 8.74 -23.89
N GLY A 446 -19.95 7.95 -23.13
CA GLY A 446 -20.37 6.66 -22.56
C GLY A 446 -21.50 6.84 -21.57
N ALA A 447 -21.35 7.78 -20.62
CA ALA A 447 -22.38 8.12 -19.61
C ALA A 447 -23.66 8.61 -20.32
N LEU A 448 -23.49 9.38 -21.39
CA LEU A 448 -24.62 9.91 -22.19
C LEU A 448 -25.26 8.76 -22.97
N HIS A 449 -24.44 7.80 -23.43
CA HIS A 449 -24.92 6.57 -24.13
C HIS A 449 -25.98 5.90 -23.25
N ILE A 450 -25.71 5.80 -21.95
CA ILE A 450 -26.54 4.96 -21.04
C ILE A 450 -27.76 5.77 -20.64
N LEU A 451 -27.56 7.03 -20.23
CA LEU A 451 -28.66 7.98 -19.90
C LEU A 451 -29.63 8.12 -21.09
N ALA A 452 -29.14 8.00 -22.33
CA ALA A 452 -29.94 8.16 -23.56
C ALA A 452 -30.97 7.03 -23.69
N ARG A 453 -30.91 6.01 -22.83
CA ARG A 453 -31.93 4.92 -22.78
C ARG A 453 -33.30 5.49 -22.39
N ASP A 454 -33.32 6.62 -21.70
CA ASP A 454 -34.55 7.28 -21.22
C ASP A 454 -34.95 8.35 -22.24
N VAL A 455 -36.23 8.38 -22.60
CA VAL A 455 -36.79 9.26 -23.68
C VAL A 455 -36.69 10.73 -23.24
N HIS A 456 -36.93 11.03 -21.97
CA HIS A 456 -36.79 12.41 -21.43
C HIS A 456 -35.31 12.82 -21.50
N ASN A 457 -34.39 11.92 -21.20
CA ASN A 457 -32.93 12.20 -21.27
C ASN A 457 -32.57 12.53 -22.72
N ARG A 458 -33.12 11.79 -23.68
CA ARG A 458 -32.79 11.96 -25.13
C ARG A 458 -33.23 13.34 -25.60
N ILE A 459 -34.43 13.77 -25.19
CA ILE A 459 -34.96 15.12 -25.51
C ILE A 459 -33.96 16.17 -25.00
N VAL A 460 -33.52 16.05 -23.75
CA VAL A 460 -32.53 17.00 -23.18
C VAL A 460 -31.24 16.97 -24.01
N ILE A 461 -30.67 15.78 -24.26
CA ILE A 461 -29.39 15.56 -25.00
C ILE A 461 -29.51 16.21 -26.40
N ARG A 462 -30.57 15.92 -27.15
CA ARG A 462 -30.84 16.57 -28.46
C ARG A 462 -30.93 18.09 -28.27
N GLY A 463 -31.65 18.53 -27.25
CA GLY A 463 -31.86 19.95 -26.91
C GLY A 463 -30.54 20.69 -26.76
N LEU A 464 -29.49 20.04 -26.29
CA LEU A 464 -28.14 20.66 -26.11
C LEU A 464 -27.42 20.76 -27.48
N ASN A 465 -28.01 20.27 -28.57
CA ASN A 465 -27.44 20.37 -29.94
C ASN A 465 -26.09 19.62 -29.97
N THR A 466 -26.12 18.33 -29.62
CA THR A 466 -24.94 17.45 -29.41
C THR A 466 -24.75 16.50 -30.60
N ILE A 467 -25.79 16.30 -31.41
CA ILE A 467 -25.78 15.31 -32.52
C ILE A 467 -24.63 15.62 -33.46
N PRO A 468 -24.41 16.89 -33.87
CA PRO A 468 -23.25 17.20 -34.70
C PRO A 468 -21.93 16.74 -34.07
N LEU A 469 -21.70 16.95 -32.77
CA LEU A 469 -20.42 16.55 -32.12
C LEU A 469 -20.30 15.02 -32.12
N PHE A 470 -21.38 14.31 -31.80
CA PHE A 470 -21.40 12.83 -31.75
C PHE A 470 -20.95 12.28 -33.12
N VAL A 471 -21.41 12.91 -34.19
CA VAL A 471 -21.13 12.46 -35.59
C VAL A 471 -19.64 12.71 -35.91
N GLN A 472 -19.09 13.88 -35.51
CA GLN A 472 -17.64 14.17 -35.70
C GLN A 472 -16.80 13.13 -34.93
N LEU A 473 -17.27 12.66 -33.77
CA LEU A 473 -16.57 11.65 -32.93
C LEU A 473 -16.48 10.32 -33.68
N LEU A 474 -17.34 10.07 -34.67
CA LEU A 474 -17.29 8.82 -35.47
C LEU A 474 -16.03 8.85 -36.34
N TYR A 475 -15.41 10.02 -36.50
CA TYR A 475 -14.15 10.22 -37.27
C TYR A 475 -12.93 10.07 -36.36
N SER A 476 -13.12 9.88 -35.05
CA SER A 476 -12.01 9.68 -34.09
C SER A 476 -11.27 8.41 -34.49
N PRO A 477 -9.92 8.41 -34.48
CA PRO A 477 -9.15 7.18 -34.64
C PRO A 477 -9.22 6.25 -33.42
N ILE A 478 -9.82 6.67 -32.30
CA ILE A 478 -9.86 5.90 -31.03
C ILE A 478 -11.11 5.01 -30.97
N GLU A 479 -10.95 3.70 -31.23
CA GLU A 479 -11.99 2.63 -31.20
C GLU A 479 -13.03 2.86 -30.09
N ASN A 480 -12.56 3.22 -28.91
CA ASN A 480 -13.43 3.36 -27.72
C ASN A 480 -14.33 4.59 -27.87
N ILE A 481 -13.82 5.67 -28.47
CA ILE A 481 -14.61 6.90 -28.76
C ILE A 481 -15.60 6.59 -29.90
N GLN A 482 -15.16 5.85 -30.92
CA GLN A 482 -16.01 5.39 -32.05
C GLN A 482 -17.24 4.66 -31.48
N ARG A 483 -17.00 3.81 -30.47
CA ARG A 483 -18.00 2.86 -29.94
C ARG A 483 -19.08 3.62 -29.18
N VAL A 484 -18.70 4.58 -28.33
CA VAL A 484 -19.66 5.32 -27.46
C VAL A 484 -20.41 6.35 -28.32
N ALA A 485 -19.75 6.95 -29.32
CA ALA A 485 -20.36 7.89 -30.29
C ALA A 485 -21.45 7.15 -31.08
N ALA A 486 -21.11 6.04 -31.71
CA ALA A 486 -22.09 5.16 -32.40
C ALA A 486 -23.14 4.71 -31.39
N GLY A 487 -22.73 4.54 -30.12
CA GLY A 487 -23.60 4.06 -29.03
C GLY A 487 -24.74 5.03 -28.77
N VAL A 488 -24.42 6.25 -28.34
CA VAL A 488 -25.42 7.32 -28.03
C VAL A 488 -26.28 7.62 -29.29
N LEU A 489 -25.69 7.59 -30.48
CA LEU A 489 -26.37 7.92 -31.76
C LEU A 489 -27.44 6.88 -32.06
N CYS A 490 -27.11 5.62 -31.78
CA CYS A 490 -27.97 4.43 -31.94
C CYS A 490 -29.19 4.59 -31.03
N GLU A 491 -28.99 5.07 -29.80
CA GLU A 491 -30.07 5.35 -28.84
C GLU A 491 -30.92 6.51 -29.36
N LEU A 492 -30.31 7.60 -29.83
CA LEU A 492 -31.05 8.81 -30.28
C LEU A 492 -31.93 8.48 -31.49
N ALA A 493 -31.43 7.63 -32.39
CA ALA A 493 -32.00 7.34 -33.73
C ALA A 493 -33.23 6.42 -33.63
N GLN A 494 -33.59 5.99 -32.41
CA GLN A 494 -34.92 5.39 -32.06
C GLN A 494 -36.07 6.32 -32.49
N ASP A 495 -35.86 7.62 -32.27
CA ASP A 495 -36.85 8.71 -32.48
C ASP A 495 -36.64 9.31 -33.87
N LYS A 496 -37.70 9.31 -34.68
CA LYS A 496 -37.74 9.85 -36.06
C LYS A 496 -36.91 11.12 -36.17
N GLU A 497 -37.18 12.10 -35.31
CA GLU A 497 -36.62 13.47 -35.39
C GLU A 497 -35.08 13.37 -35.35
N ALA A 498 -34.53 12.59 -34.41
CA ALA A 498 -33.07 12.40 -34.24
C ALA A 498 -32.48 11.60 -35.40
N ALA A 499 -33.09 10.48 -35.76
CA ALA A 499 -32.66 9.67 -36.92
C ALA A 499 -32.53 10.56 -38.16
N GLU A 500 -33.40 11.56 -38.31
CA GLU A 500 -33.36 12.53 -39.44
C GLU A 500 -32.23 13.53 -39.21
N ALA A 501 -32.03 13.99 -37.99
CA ALA A 501 -30.92 14.93 -37.66
C ALA A 501 -29.58 14.26 -37.99
N ILE A 502 -29.39 13.02 -37.49
CA ILE A 502 -28.16 12.19 -37.67
C ILE A 502 -27.90 11.99 -39.17
N GLU A 503 -28.93 11.66 -39.96
CA GLU A 503 -28.77 11.44 -41.41
C GLU A 503 -28.35 12.75 -42.07
N ALA A 504 -28.92 13.87 -41.62
CA ALA A 504 -28.67 15.21 -42.21
C ALA A 504 -27.24 15.65 -41.92
N GLU A 505 -26.56 15.07 -40.92
CA GLU A 505 -25.15 15.40 -40.58
C GLU A 505 -24.17 14.56 -41.41
N GLY A 506 -24.63 13.81 -42.41
CA GLY A 506 -23.79 12.92 -43.22
C GLY A 506 -23.10 11.84 -42.38
N ALA A 507 -23.76 11.35 -41.33
CA ALA A 507 -23.28 10.25 -40.47
C ALA A 507 -23.14 8.95 -41.27
N THR A 508 -23.86 8.73 -42.37
CA THR A 508 -23.80 7.43 -43.08
C THR A 508 -22.36 7.20 -43.57
N ALA A 509 -21.62 8.27 -43.84
CA ALA A 509 -20.26 8.24 -44.42
C ALA A 509 -19.31 7.53 -43.47
N PRO A 510 -19.05 8.08 -42.26
CA PRO A 510 -18.21 7.38 -41.28
C PRO A 510 -18.86 6.08 -40.79
N LEU A 511 -20.19 6.03 -40.62
CA LEU A 511 -20.87 4.85 -40.02
C LEU A 511 -20.64 3.61 -40.90
N THR A 512 -20.67 3.72 -42.23
CA THR A 512 -20.47 2.56 -43.14
C THR A 512 -19.00 2.13 -43.11
N GLU A 513 -18.07 3.04 -42.78
CA GLU A 513 -16.65 2.69 -42.57
C GLU A 513 -16.54 1.92 -41.24
N LEU A 514 -17.18 2.40 -40.17
CA LEU A 514 -17.18 1.69 -38.87
C LEU A 514 -17.90 0.33 -38.97
N LEU A 515 -18.72 0.12 -40.00
CA LEU A 515 -19.36 -1.21 -40.27
C LEU A 515 -18.26 -2.27 -40.20
N HIS A 516 -17.19 -2.07 -40.96
CA HIS A 516 -16.13 -3.09 -41.24
C HIS A 516 -14.99 -2.97 -40.22
N SER A 517 -15.29 -2.62 -38.98
CA SER A 517 -14.31 -2.49 -37.88
C SER A 517 -14.02 -3.86 -37.23
N ARG A 518 -12.75 -4.10 -36.88
CA ARG A 518 -12.25 -5.26 -36.07
C ARG A 518 -12.93 -5.28 -34.71
N ASN A 519 -13.34 -4.12 -34.21
CA ASN A 519 -13.99 -3.95 -32.89
C ASN A 519 -15.48 -4.24 -33.02
N GLU A 520 -15.97 -5.18 -32.21
CA GLU A 520 -17.34 -5.74 -32.19
C GLU A 520 -18.36 -4.66 -31.85
N GLY A 521 -18.15 -3.99 -30.70
CA GLY A 521 -18.97 -2.87 -30.21
C GLY A 521 -19.19 -1.85 -31.31
N VAL A 522 -18.08 -1.38 -31.90
CA VAL A 522 -18.05 -0.33 -32.95
C VAL A 522 -18.93 -0.81 -34.11
N ALA A 523 -18.65 -2.00 -34.66
CA ALA A 523 -19.32 -2.52 -35.88
C ALA A 523 -20.81 -2.79 -35.58
N THR A 524 -21.11 -3.24 -34.36
CA THR A 524 -22.49 -3.65 -33.96
C THR A 524 -23.32 -2.37 -33.83
N TYR A 525 -22.79 -1.33 -33.19
CA TYR A 525 -23.49 -0.03 -32.97
C TYR A 525 -23.65 0.71 -34.31
N ALA A 526 -22.59 0.79 -35.10
CA ALA A 526 -22.57 1.39 -36.46
C ALA A 526 -23.72 0.81 -37.29
N ALA A 527 -23.86 -0.52 -37.28
CA ALA A 527 -24.90 -1.24 -38.06
C ALA A 527 -26.29 -0.85 -37.53
N ALA A 528 -26.44 -0.67 -36.22
CA ALA A 528 -27.74 -0.34 -35.56
C ALA A 528 -28.22 1.06 -35.96
N VAL A 529 -27.35 2.08 -35.83
CA VAL A 529 -27.64 3.48 -36.26
C VAL A 529 -28.06 3.45 -37.72
N LEU A 530 -27.27 2.79 -38.56
CA LEU A 530 -27.51 2.73 -40.02
C LEU A 530 -28.88 2.10 -40.29
N PHE A 531 -29.21 1.01 -39.61
CA PHE A 531 -30.50 0.31 -39.79
C PHE A 531 -31.63 1.29 -39.49
N ARG A 532 -31.56 1.99 -38.35
CA ARG A 532 -32.58 2.96 -37.86
C ARG A 532 -32.66 4.23 -38.74
N MET A 533 -31.85 4.31 -39.81
CA MET A 533 -31.82 5.45 -40.75
C MET A 533 -32.10 4.94 -42.17
N SER A 534 -32.65 3.75 -42.38
CA SER A 534 -32.68 3.11 -43.73
C SER A 534 -34.11 2.94 -44.22
N GLU A 535 -34.29 2.81 -45.54
CA GLU A 535 -35.58 2.55 -46.24
C GLU A 535 -36.04 1.11 -46.02
N ASP A 536 -35.09 0.17 -45.97
N VAL B 2 1.74 8.38 -5.22
CA VAL B 2 0.59 7.65 -5.75
C VAL B 2 0.63 7.72 -7.29
N THR B 3 0.41 6.58 -7.95
CA THR B 3 0.30 6.44 -9.44
C THR B 3 -1.03 5.77 -9.78
N ARG B 4 -1.74 6.32 -10.78
CA ARG B 4 -3.02 5.79 -11.32
C ARG B 4 -2.71 4.82 -12.46
N ASN B 5 -3.27 3.60 -12.40
CA ASN B 5 -3.17 2.55 -13.45
C ASN B 5 -4.57 1.99 -13.70
N ASP B 6 -5.12 2.22 -14.89
CA ASP B 6 -6.41 1.61 -15.35
C ASP B 6 -6.15 0.13 -15.66
N VAL B 7 -7.05 -0.74 -15.19
CA VAL B 7 -6.99 -2.23 -15.33
C VAL B 7 -8.27 -2.67 -16.00
N PRO B 9 -11.95 -2.06 -17.26
CA PRO B 9 -12.97 -1.16 -16.67
C PRO B 9 -12.63 -0.51 -15.31
N ASP B 10 -11.81 -1.15 -14.47
CA ASP B 10 -11.53 -0.69 -13.09
C ASP B 10 -10.12 -0.08 -13.05
N SER B 11 -9.72 0.56 -11.93
CA SER B 11 -8.44 1.31 -11.79
C SER B 11 -7.76 1.00 -10.44
N LEU B 12 -6.41 1.12 -10.42
CA LEU B 12 -5.52 0.91 -9.24
C LEU B 12 -4.81 2.21 -8.86
N LEU B 13 -4.86 2.56 -7.58
CA LEU B 13 -4.06 3.65 -6.97
C LEU B 13 -2.86 3.00 -6.27
N VAL B 14 -1.70 2.99 -6.97
CA VAL B 14 -0.41 2.38 -6.51
C VAL B 14 0.28 3.36 -5.56
N PHE B 15 0.18 3.13 -4.25
CA PHE B 15 0.80 3.95 -3.18
C PHE B 15 2.21 3.42 -2.98
#